data_6XD0
#
_entry.id   6XD0
#
_cell.length_a   161.660
_cell.length_b   176.240
_cell.length_c   57.760
_cell.angle_alpha   90.000
_cell.angle_beta   90.000
_cell.angle_gamma   90.000
#
_symmetry.space_group_name_H-M   'C 2 2 21'
#
loop_
_entity.id
_entity.type
_entity.pdbx_description
1 polymer 'RNA-dependent RNA polymerase'
2 non-polymer 'ZINC ION'
3 non-polymer GLYCEROL
4 non-polymer DI(HYDROXYETHYL)ETHER
5 non-polymer '2-[({2-[(2,6-dichlorophenyl)amino]phenyl}acetyl)amino]-2,3-dihydro-1H-indene-2-carboxylic acid'
6 water water
#
_entity_poly.entity_id   1
_entity_poly.type   'polypeptide(L)'
_entity_poly.pdbx_seq_one_letter_code
;GSHMLDNMDVIGERIKRIKEEHNSTWHYDDENPYKTWAYHGSYEVKATGSASSMINGVVKLLTKPWDVVPMVTQMAMTDT
TPFGQQRVFKEKVDTRTPRPLPGTRKVMEITAEWLWRTLGRNKRPRLCTREEFTKKVRTNAAMGAVFTEENQWDSAKAAV
EDEEFWKLVDRERELHKLGKCGSCVYNMMGKREKKLGEFGKAKGSRAIWYMWLGVRYLEFEALGFLNEDHWFSRENSYSG
VEGEGLHKLGYILRDISKIPGGAMYADDTAGWDTRITEDDLHNEEKIIQQMDPEHRQLANAIFKLTYQNKVVKVQRPTPT
GTVMDIISRKDQRGSGQVGTYGLNTFTNMEAQLVRQMEGEGVLTKADLENPHLLEKKITQWLETKGVERLKRMAISGDDC
VVKPIDDRFANALLALNDMGKVRKDIPQWQPSKGWHDWQQVPFCSHHFHELIMKDGRKLVVPCRPQDELIGRARISQGAG
WSLRETACLGKAYAQMWSLMYFHRRDLRLASNAICSAVPVHWVPTSRTTWSIHAHHQWMTTEDMLTVWNRVWIEENPWME
DKTPVTTWENVPYLGKREDQWCGSLIGLTSRATWAQNIPTAIQQVRSLIGNEEFLDYMPSMKRFRKEEESEGAIW
;
_entity_poly.pdbx_strand_id   A
#
# COMPACT_ATOMS: atom_id res chain seq x y z
N ASP A 6 -28.56 -14.79 8.53
CA ASP A 6 -28.46 -13.32 8.32
C ASP A 6 -28.34 -13.01 6.82
N ASN A 7 -27.24 -13.43 6.19
CA ASN A 7 -27.02 -13.14 4.75
C ASN A 7 -26.70 -14.41 3.95
N MET A 8 -27.24 -15.56 4.34
CA MET A 8 -26.91 -16.83 3.64
C MET A 8 -27.37 -16.84 2.17
N ASP A 9 -28.31 -15.98 1.79
CA ASP A 9 -28.77 -15.92 0.41
C ASP A 9 -27.70 -15.34 -0.54
N VAL A 10 -26.76 -14.55 -0.02
CA VAL A 10 -25.70 -13.95 -0.83
C VAL A 10 -24.42 -14.80 -0.77
N ILE A 11 -24.08 -15.34 0.40
CA ILE A 11 -22.84 -16.12 0.58
C ILE A 11 -23.00 -17.64 0.50
N GLY A 12 -24.24 -18.12 0.53
CA GLY A 12 -24.58 -19.54 0.54
C GLY A 12 -24.02 -20.39 -0.58
N GLU A 13 -24.12 -19.93 -1.83
CA GLU A 13 -23.61 -20.68 -2.97
C GLU A 13 -22.08 -20.88 -2.87
N ARG A 14 -21.34 -19.85 -2.40
CA ARG A 14 -19.89 -19.99 -2.24
C ARG A 14 -19.54 -21.04 -1.18
N ILE A 15 -20.26 -21.05 -0.05
CA ILE A 15 -20.02 -21.99 1.05
C ILE A 15 -20.40 -23.41 0.64
N LYS A 16 -21.52 -23.55 -0.08
CA LYS A 16 -21.99 -24.83 -0.61
C LYS A 16 -20.94 -25.44 -1.54
N ARG A 17 -20.28 -24.62 -2.37
CA ARG A 17 -19.25 -25.12 -3.28
C ARG A 17 -17.97 -25.54 -2.56
N ILE A 18 -17.57 -24.80 -1.52
CA ILE A 18 -16.38 -25.13 -0.73
C ILE A 18 -16.63 -26.43 0.01
N LYS A 19 -17.79 -26.52 0.68
CA LYS A 19 -18.25 -27.66 1.44
C LYS A 19 -18.35 -28.93 0.56
N GLU A 20 -18.83 -28.80 -0.68
CA GLU A 20 -18.93 -29.94 -1.59
C GLU A 20 -17.55 -30.40 -2.04
N GLU A 21 -16.67 -29.44 -2.29
CA GLU A 21 -15.30 -29.73 -2.77
C GLU A 21 -14.51 -30.44 -1.67
N HIS A 22 -14.75 -30.12 -0.40
CA HIS A 22 -13.96 -30.70 0.70
C HIS A 22 -14.81 -31.57 1.62
N ASN A 23 -15.89 -32.15 1.11
CA ASN A 23 -16.81 -32.96 1.97
C ASN A 23 -16.10 -34.11 2.70
N SER A 24 -14.91 -34.52 2.30
CA SER A 24 -14.24 -35.62 3.00
C SER A 24 -13.82 -35.20 4.42
N THR A 25 -13.46 -33.92 4.58
CA THR A 25 -13.05 -33.47 5.93
C THR A 25 -13.87 -32.28 6.39
N TRP A 26 -14.98 -31.94 5.75
CA TRP A 26 -15.76 -30.75 6.20
C TRP A 26 -16.40 -31.03 7.56
N HIS A 27 -16.26 -30.08 8.48
CA HIS A 27 -16.81 -30.22 9.85
C HIS A 27 -17.08 -28.85 10.48
N TYR A 28 -17.84 -28.84 11.55
CA TYR A 28 -18.08 -27.63 12.32
C TYR A 28 -17.18 -27.77 13.55
N ASP A 29 -16.21 -26.85 13.71
CA ASP A 29 -15.32 -26.90 14.85
C ASP A 29 -15.83 -25.93 15.88
N ASP A 30 -16.29 -26.46 17.01
CA ASP A 30 -16.80 -25.69 18.15
C ASP A 30 -15.71 -24.90 18.89
N GLU A 31 -14.44 -25.23 18.65
CA GLU A 31 -13.33 -24.48 19.26
C GLU A 31 -12.86 -23.31 18.38
N ASN A 32 -13.65 -22.91 17.35
CA ASN A 32 -13.25 -21.79 16.50
C ASN A 32 -13.20 -20.50 17.34
N PRO A 33 -12.21 -19.65 17.09
CA PRO A 33 -12.05 -18.45 17.94
C PRO A 33 -12.75 -17.20 17.45
N TYR A 34 -13.60 -17.30 16.43
CA TYR A 34 -14.25 -16.11 15.79
C TYR A 34 -15.35 -15.52 16.66
N LYS A 35 -15.21 -14.24 16.99
CA LYS A 35 -16.19 -13.51 17.83
C LYS A 35 -17.02 -12.52 17.01
N THR A 36 -16.42 -11.82 16.05
CA THR A 36 -17.16 -10.77 15.29
C THR A 36 -17.40 -11.21 13.84
N TRP A 37 -16.85 -12.35 13.43
CA TRP A 37 -17.06 -12.89 12.09
C TRP A 37 -17.95 -14.10 12.22
N ALA A 38 -18.85 -14.33 11.26
CA ALA A 38 -19.70 -15.52 11.29
C ALA A 38 -18.83 -16.71 10.85
N TYR A 39 -18.87 -17.80 11.59
CA TYR A 39 -18.06 -18.98 11.25
C TYR A 39 -18.97 -20.04 10.62
N HIS A 40 -18.57 -20.55 9.47
CA HIS A 40 -19.42 -21.50 8.72
C HIS A 40 -18.90 -22.94 8.83
N GLY A 41 -17.59 -23.13 8.81
CA GLY A 41 -17.06 -24.50 8.92
C GLY A 41 -15.58 -24.55 8.66
N SER A 42 -15.01 -25.74 8.73
CA SER A 42 -13.57 -25.97 8.49
C SER A 42 -13.35 -27.25 7.69
N TYR A 43 -12.20 -27.34 7.06
CA TYR A 43 -11.73 -28.52 6.35
C TYR A 43 -10.21 -28.63 6.48
N GLU A 44 -9.67 -29.84 6.37
CA GLU A 44 -8.23 -30.04 6.48
C GLU A 44 -7.44 -29.49 5.31
N VAL A 45 -6.32 -28.83 5.61
CA VAL A 45 -5.38 -28.29 4.63
C VAL A 45 -3.95 -28.54 5.11
N LYS A 46 -2.97 -28.43 4.21
CA LYS A 46 -1.56 -28.52 4.59
C LYS A 46 -1.16 -27.09 4.96
N ALA A 47 -0.45 -26.90 6.08
CA ALA A 47 -0.04 -25.57 6.52
C ALA A 47 0.85 -24.85 5.51
N THR A 48 0.64 -23.54 5.37
CA THR A 48 1.44 -22.71 4.47
C THR A 48 2.18 -21.65 5.30
N GLY A 49 3.26 -21.09 4.76
CA GLY A 49 4.04 -20.06 5.44
C GLY A 49 5.28 -20.55 6.16
N SER A 50 6.00 -19.63 6.80
CA SER A 50 7.22 -19.94 7.55
C SER A 50 7.33 -19.07 8.81
N ALA A 51 7.98 -19.57 9.86
CA ALA A 51 8.14 -18.82 11.11
C ALA A 51 9.14 -17.66 10.99
N SER A 52 10.02 -17.70 9.98
CA SER A 52 11.01 -16.65 9.74
C SER A 52 11.29 -16.49 8.22
N SER A 53 11.83 -15.34 7.81
CA SER A 53 12.12 -15.06 6.41
C SER A 53 13.48 -15.60 5.94
N MET A 54 13.58 -15.90 4.64
CA MET A 54 14.84 -16.35 4.04
C MET A 54 15.78 -15.14 3.98
N ILE A 55 17.07 -15.34 4.24
CA ILE A 55 18.04 -14.25 4.23
C ILE A 55 18.82 -14.16 2.91
N ASN A 56 18.96 -12.97 2.35
CA ASN A 56 19.74 -12.74 1.14
C ASN A 56 21.21 -12.68 1.58
N GLY A 57 21.94 -13.75 1.30
CA GLY A 57 23.34 -13.87 1.65
C GLY A 57 24.26 -12.84 1.00
N VAL A 58 23.91 -12.38 -0.21
CA VAL A 58 24.72 -11.36 -0.89
C VAL A 58 24.66 -10.02 -0.14
N VAL A 59 23.44 -9.55 0.18
CA VAL A 59 23.28 -8.30 0.93
C VAL A 59 23.84 -8.46 2.34
N LYS A 60 23.59 -9.61 2.98
CA LYS A 60 24.10 -9.88 4.32
C LYS A 60 25.63 -9.84 4.39
N LEU A 61 26.32 -10.51 3.45
CA LEU A 61 27.79 -10.49 3.45
C LEU A 61 28.38 -9.10 3.22
N LEU A 62 27.63 -8.21 2.54
CA LEU A 62 28.14 -6.87 2.25
C LEU A 62 27.64 -5.79 3.24
N THR A 63 26.90 -6.19 4.30
CA THR A 63 26.39 -5.28 5.33
C THR A 63 26.65 -5.85 6.73
N LYS A 64 27.86 -6.38 6.94
CA LYS A 64 28.29 -7.00 8.20
C LYS A 64 28.03 -6.15 9.47
N PRO A 65 28.26 -4.81 9.51
CA PRO A 65 27.95 -4.06 10.74
C PRO A 65 26.48 -4.14 11.18
N TRP A 66 25.58 -4.49 10.27
CA TRP A 66 24.15 -4.59 10.59
C TRP A 66 23.72 -6.00 11.04
N ASP A 67 24.67 -6.96 11.11
CA ASP A 67 24.40 -8.32 11.56
C ASP A 67 23.85 -8.30 13.00
N VAL A 68 24.33 -7.35 13.80
CA VAL A 68 23.90 -7.27 15.22
C VAL A 68 22.56 -6.51 15.37
N VAL A 69 22.42 -5.41 14.65
CA VAL A 69 21.35 -4.37 14.82
C VAL A 69 19.98 -5.03 15.01
N PRO A 70 19.29 -4.67 16.11
CA PRO A 70 18.01 -5.27 16.47
C PRO A 70 16.89 -5.16 15.44
N MET A 71 16.68 -3.98 14.85
CA MET A 71 15.60 -3.87 13.87
C MET A 71 15.89 -4.77 12.65
N VAL A 72 17.17 -4.89 12.26
CA VAL A 72 17.53 -5.76 11.13
C VAL A 72 17.17 -7.24 11.44
N THR A 73 17.46 -7.70 12.66
CA THR A 73 17.15 -9.05 13.13
C THR A 73 15.64 -9.29 13.23
N GLN A 74 14.88 -8.27 13.65
CA GLN A 74 13.43 -8.37 13.81
C GLN A 74 12.70 -8.58 12.49
N MET A 75 13.07 -7.84 11.46
CA MET A 75 12.41 -7.91 10.16
C MET A 75 12.48 -9.30 9.53
N ALA A 76 13.49 -10.07 9.87
CA ALA A 76 13.63 -11.44 9.38
C ALA A 76 12.80 -12.46 10.18
N MET A 77 12.00 -12.02 11.18
CA MET A 77 11.23 -12.92 12.03
C MET A 77 9.73 -12.82 11.80
N THR A 78 9.30 -12.44 10.60
CA THR A 78 7.88 -12.36 10.29
C THR A 78 7.32 -13.80 10.21
N ASP A 79 6.31 -14.09 11.05
CA ASP A 79 5.70 -15.42 11.12
C ASP A 79 4.45 -15.48 10.24
N THR A 80 4.51 -16.24 9.14
CA THR A 80 3.37 -16.38 8.24
C THR A 80 2.65 -17.74 8.35
N THR A 81 3.04 -18.60 9.31
CA THR A 81 2.40 -19.91 9.53
C THR A 81 0.96 -19.72 10.05
N PRO A 82 0.15 -20.78 10.14
CA PRO A 82 -1.22 -20.63 10.67
C PRO A 82 -1.24 -20.02 12.09
N PHE A 83 -0.19 -20.24 12.90
CA PHE A 83 -0.10 -19.66 14.25
C PHE A 83 0.01 -18.13 14.13
N GLY A 84 0.83 -17.66 13.20
CA GLY A 84 1.02 -16.24 12.93
C GLY A 84 -0.24 -15.60 12.38
N GLN A 85 -0.92 -16.29 11.44
CA GLN A 85 -2.16 -15.80 10.85
C GLN A 85 -3.23 -15.62 11.93
N GLN A 86 -3.38 -16.63 12.81
CA GLN A 86 -4.35 -16.58 13.90
C GLN A 86 -4.04 -15.44 14.88
N ARG A 87 -2.75 -15.23 15.19
CA ARG A 87 -2.32 -14.17 16.10
C ARG A 87 -2.74 -12.80 15.58
N VAL A 88 -2.43 -12.51 14.30
CA VAL A 88 -2.78 -11.24 13.66
C VAL A 88 -4.30 -11.09 13.59
N PHE A 89 -5.01 -12.16 13.23
CA PHE A 89 -6.46 -12.12 13.14
C PHE A 89 -7.11 -11.76 14.47
N LYS A 90 -6.73 -12.45 15.54
CA LYS A 90 -7.29 -12.21 16.87
C LYS A 90 -6.99 -10.83 17.44
N GLU A 91 -5.74 -10.36 17.29
CA GLU A 91 -5.34 -9.07 17.85
C GLU A 91 -5.76 -7.87 17.01
N LYS A 92 -6.07 -8.05 15.72
CA LYS A 92 -6.38 -6.91 14.87
C LYS A 92 -7.68 -6.96 14.06
N VAL A 93 -8.09 -8.13 13.58
CA VAL A 93 -9.21 -8.24 12.66
C VAL A 93 -10.55 -8.67 13.30
N ASP A 94 -10.49 -9.30 14.48
CA ASP A 94 -11.72 -9.75 15.14
C ASP A 94 -12.31 -8.68 16.05
N THR A 95 -12.62 -7.50 15.46
CA THR A 95 -13.18 -6.35 16.18
C THR A 95 -14.49 -5.86 15.53
N ARG A 96 -15.25 -5.04 16.26
CA ARG A 96 -16.48 -4.44 15.77
C ARG A 96 -16.36 -2.91 15.97
N THR A 97 -16.64 -2.11 14.93
CA THR A 97 -16.55 -0.65 15.05
C THR A 97 -17.94 -0.14 15.43
N PRO A 98 -18.09 0.68 16.48
CA PRO A 98 -19.44 1.19 16.80
C PRO A 98 -20.03 1.99 15.63
N ARG A 99 -21.33 1.90 15.43
CA ARG A 99 -21.94 2.61 14.32
C ARG A 99 -21.88 4.10 14.54
N PRO A 100 -21.45 4.86 13.50
CA PRO A 100 -21.45 6.32 13.62
C PRO A 100 -22.84 6.88 13.95
N LEU A 101 -22.90 8.02 14.61
CA LEU A 101 -24.13 8.75 14.97
C LEU A 101 -24.90 9.17 13.71
N PRO A 102 -26.21 9.47 13.84
CA PRO A 102 -27.00 9.83 12.65
C PRO A 102 -26.55 11.12 11.94
N GLY A 103 -26.10 12.13 12.68
CA GLY A 103 -25.61 13.36 12.07
C GLY A 103 -24.29 13.09 11.34
N THR A 104 -23.40 12.30 11.96
CA THR A 104 -22.15 11.90 11.33
C THR A 104 -22.43 11.18 9.99
N ARG A 105 -23.38 10.24 9.98
CA ARG A 105 -23.74 9.50 8.77
C ARG A 105 -24.29 10.43 7.71
N LYS A 106 -25.10 11.41 8.12
CA LYS A 106 -25.62 12.40 7.19
C LYS A 106 -24.52 13.25 6.51
N VAL A 107 -23.57 13.82 7.29
CA VAL A 107 -22.50 14.63 6.70
C VAL A 107 -21.58 13.78 5.80
N MET A 108 -21.34 12.51 6.18
CA MET A 108 -20.51 11.61 5.40
C MET A 108 -21.16 11.35 4.05
N GLU A 109 -22.47 11.11 4.04
CA GLU A 109 -23.22 10.85 2.82
C GLU A 109 -23.22 12.10 1.91
N ILE A 110 -23.42 13.28 2.48
CA ILE A 110 -23.41 14.52 1.67
C ILE A 110 -22.03 14.75 1.08
N THR A 111 -21.00 14.56 1.89
CA THR A 111 -19.62 14.73 1.46
C THR A 111 -19.26 13.70 0.40
N ALA A 112 -19.63 12.42 0.58
CA ALA A 112 -19.34 11.36 -0.41
C ALA A 112 -19.99 11.64 -1.76
N GLU A 113 -21.26 12.09 -1.78
CA GLU A 113 -21.92 12.43 -3.05
C GLU A 113 -21.21 13.58 -3.75
N TRP A 114 -20.82 14.62 -2.99
CA TRP A 114 -20.11 15.76 -3.57
C TRP A 114 -18.74 15.32 -4.09
N LEU A 115 -18.05 14.47 -3.32
CA LEU A 115 -16.71 14.04 -3.69
C LEU A 115 -16.74 13.19 -4.96
N TRP A 116 -17.68 12.25 -5.06
CA TRP A 116 -17.77 11.42 -6.27
C TRP A 116 -18.07 12.28 -7.50
N ARG A 117 -18.97 13.26 -7.37
CA ARG A 117 -19.29 14.19 -8.45
C ARG A 117 -18.08 15.01 -8.87
N THR A 118 -17.29 15.47 -7.90
CA THR A 118 -16.06 16.22 -8.18
C THR A 118 -15.03 15.33 -8.92
N LEU A 119 -14.84 14.09 -8.41
CA LEU A 119 -13.91 13.13 -9.00
C LEU A 119 -14.28 12.72 -10.42
N GLY A 120 -15.58 12.73 -10.72
CA GLY A 120 -16.07 12.35 -12.04
C GLY A 120 -16.43 13.52 -12.96
N ARG A 121 -15.94 14.71 -12.63
CA ARG A 121 -16.23 15.93 -13.44
C ARG A 121 -15.69 15.82 -14.87
N ASN A 122 -14.51 15.24 -15.05
CA ASN A 122 -13.90 15.11 -16.39
C ASN A 122 -13.92 13.66 -16.85
N LYS A 123 -13.60 12.73 -15.97
CA LYS A 123 -13.52 11.31 -16.35
C LYS A 123 -14.88 10.63 -16.19
N ARG A 124 -15.11 9.60 -16.99
CA ARG A 124 -16.34 8.80 -16.88
C ARG A 124 -15.91 7.37 -16.55
N PRO A 125 -16.59 6.63 -15.67
CA PRO A 125 -16.21 5.27 -15.38
C PRO A 125 -16.36 4.34 -16.59
N ARG A 126 -15.55 3.30 -16.63
CA ARG A 126 -15.62 2.35 -17.73
C ARG A 126 -15.18 0.97 -17.24
N LEU A 127 -15.53 -0.05 -18.01
CA LEU A 127 -15.13 -1.41 -17.74
C LEU A 127 -13.67 -1.62 -18.16
N CYS A 128 -12.95 -2.44 -17.40
CA CYS A 128 -11.61 -2.85 -17.79
C CYS A 128 -11.70 -4.22 -18.45
N THR A 129 -10.73 -4.54 -19.32
CA THR A 129 -10.87 -5.71 -20.19
C THR A 129 -9.90 -6.86 -19.91
N ARG A 130 -10.16 -8.02 -20.55
CA ARG A 130 -9.30 -9.20 -20.53
C ARG A 130 -7.87 -8.81 -21.02
N GLU A 131 -7.74 -8.10 -22.15
CA GLU A 131 -6.41 -7.75 -22.67
C GLU A 131 -5.67 -6.75 -21.79
N GLU A 132 -6.40 -5.87 -21.09
CA GLU A 132 -5.76 -4.93 -20.17
C GLU A 132 -5.16 -5.69 -19.00
N PHE A 133 -5.94 -6.65 -18.43
CA PHE A 133 -5.51 -7.47 -17.30
C PHE A 133 -4.33 -8.35 -17.74
N THR A 134 -4.43 -8.95 -18.94
CA THR A 134 -3.41 -9.81 -19.52
C THR A 134 -2.10 -9.03 -19.68
N LYS A 135 -2.16 -7.79 -20.21
CA LYS A 135 -0.98 -6.96 -20.39
C LYS A 135 -0.31 -6.63 -19.06
N LYS A 136 -1.10 -6.27 -18.03
CA LYS A 136 -0.56 -5.96 -16.71
C LYS A 136 0.11 -7.19 -16.10
N VAL A 137 -0.51 -8.37 -16.27
CA VAL A 137 0.02 -9.62 -15.74
C VAL A 137 1.35 -9.97 -16.45
N ARG A 138 1.41 -9.79 -17.77
CA ARG A 138 2.61 -10.07 -18.54
C ARG A 138 3.77 -9.13 -18.21
N THR A 139 3.49 -7.82 -18.04
CA THR A 139 4.55 -6.88 -17.69
C THR A 139 5.09 -7.12 -16.27
N ASN A 140 4.24 -7.60 -15.36
CA ASN A 140 4.66 -7.89 -13.99
C ASN A 140 5.40 -9.21 -13.87
N ALA A 141 5.09 -10.19 -14.73
CA ALA A 141 5.79 -11.48 -14.72
C ALA A 141 7.26 -11.33 -15.20
N ALA A 142 7.53 -10.31 -16.03
CA ALA A 142 8.87 -10.00 -16.51
C ALA A 142 9.42 -8.81 -15.69
N MET A 143 9.55 -9.04 -14.36
CA MET A 143 10.07 -8.00 -13.43
C MET A 143 11.49 -8.41 -13.00
N GLN A 152 1.42 -15.99 -7.63
CA GLN A 152 2.68 -15.89 -8.41
C GLN A 152 2.37 -15.29 -9.78
N TRP A 153 3.23 -14.41 -10.27
CA TRP A 153 3.10 -13.79 -11.61
C TRP A 153 3.25 -14.83 -12.71
N ASP A 154 4.12 -15.82 -12.51
CA ASP A 154 4.34 -16.90 -13.51
C ASP A 154 3.04 -17.70 -13.65
N SER A 155 2.46 -18.09 -12.52
CA SER A 155 1.22 -18.84 -12.49
C SER A 155 0.11 -18.01 -13.15
N ALA A 156 0.07 -16.70 -12.85
CA ALA A 156 -0.91 -15.78 -13.42
C ALA A 156 -0.71 -15.62 -14.93
N LYS A 157 0.55 -15.61 -15.40
CA LYS A 157 0.82 -15.52 -16.85
C LYS A 157 0.33 -16.78 -17.56
N ALA A 158 0.51 -17.96 -16.92
CA ALA A 158 0.05 -19.21 -17.50
C ALA A 158 -1.49 -19.26 -17.52
N ALA A 159 -2.13 -18.72 -16.50
CA ALA A 159 -3.57 -18.69 -16.39
C ALA A 159 -4.21 -17.79 -17.47
N VAL A 160 -3.68 -16.56 -17.66
CA VAL A 160 -4.24 -15.66 -18.69
C VAL A 160 -4.06 -16.20 -20.11
N GLU A 161 -3.06 -17.06 -20.33
CA GLU A 161 -2.83 -17.68 -21.64
C GLU A 161 -3.66 -18.96 -21.88
N ASP A 162 -4.37 -19.43 -20.85
CA ASP A 162 -5.24 -20.60 -20.96
C ASP A 162 -6.67 -20.08 -21.20
N GLU A 163 -7.29 -20.51 -22.31
CA GLU A 163 -8.65 -20.13 -22.67
C GLU A 163 -9.70 -20.63 -21.67
N GLU A 164 -9.40 -21.75 -20.98
CA GLU A 164 -10.30 -22.30 -19.96
C GLU A 164 -10.43 -21.39 -18.74
N PHE A 165 -9.42 -20.57 -18.47
CA PHE A 165 -9.47 -19.61 -17.38
C PHE A 165 -10.53 -18.55 -17.72
N TRP A 166 -10.51 -18.05 -18.95
CA TRP A 166 -11.44 -17.04 -19.41
C TRP A 166 -12.87 -17.57 -19.52
N LYS A 167 -13.04 -18.86 -19.89
CA LYS A 167 -14.36 -19.47 -19.92
C LYS A 167 -14.94 -19.60 -18.49
N LEU A 168 -14.08 -19.84 -17.50
CA LEU A 168 -14.48 -19.90 -16.08
C LEU A 168 -14.90 -18.49 -15.64
N VAL A 169 -14.12 -17.46 -16.04
CA VAL A 169 -14.40 -16.05 -15.76
C VAL A 169 -15.82 -15.69 -16.30
N ASP A 170 -16.12 -16.08 -17.55
CA ASP A 170 -17.40 -15.79 -18.18
C ASP A 170 -18.57 -16.42 -17.45
N ARG A 171 -18.43 -17.69 -17.00
CA ARG A 171 -19.47 -18.35 -16.24
C ARG A 171 -19.74 -17.60 -14.93
N GLU A 172 -18.67 -17.19 -14.21
CA GLU A 172 -18.83 -16.45 -12.97
C GLU A 172 -19.45 -15.07 -13.23
N ARG A 173 -19.08 -14.40 -14.32
CA ARG A 173 -19.69 -13.12 -14.69
C ARG A 173 -21.20 -13.28 -14.92
N GLU A 174 -21.62 -14.37 -15.59
CA GLU A 174 -23.05 -14.61 -15.80
C GLU A 174 -23.81 -14.76 -14.49
N LEU A 175 -23.20 -15.37 -13.46
CA LEU A 175 -23.81 -15.45 -12.13
C LEU A 175 -23.91 -14.04 -11.55
N HIS A 176 -22.83 -13.23 -11.63
CA HIS A 176 -22.83 -11.85 -11.11
C HIS A 176 -23.92 -11.03 -11.74
N LYS A 177 -24.22 -11.25 -13.04
CA LYS A 177 -25.28 -10.53 -13.74
C LYS A 177 -26.68 -10.90 -13.22
N LEU A 178 -26.84 -12.10 -12.68
CA LEU A 178 -28.09 -12.53 -12.06
C LEU A 178 -28.14 -12.19 -10.55
N GLY A 179 -27.15 -11.47 -10.03
CA GLY A 179 -27.05 -11.08 -8.63
C GLY A 179 -26.55 -12.20 -7.73
N LYS A 180 -25.78 -13.14 -8.29
CA LYS A 180 -25.25 -14.30 -7.56
C LYS A 180 -23.75 -14.42 -7.65
N CYS A 181 -23.14 -15.12 -6.70
CA CYS A 181 -21.69 -15.33 -6.70
C CYS A 181 -21.43 -16.78 -6.29
N GLY A 182 -20.59 -17.47 -7.03
CA GLY A 182 -20.30 -18.86 -6.77
C GLY A 182 -18.87 -19.17 -6.36
N SER A 183 -17.92 -18.30 -6.71
CA SER A 183 -16.52 -18.60 -6.43
C SER A 183 -15.61 -17.45 -6.03
N CYS A 184 -16.15 -16.24 -5.73
CA CYS A 184 -15.28 -15.12 -5.34
C CYS A 184 -15.04 -15.10 -3.84
N VAL A 185 -14.00 -15.82 -3.41
CA VAL A 185 -13.64 -16.00 -2.01
C VAL A 185 -12.26 -15.39 -1.78
N TYR A 186 -12.14 -14.59 -0.72
CA TYR A 186 -10.90 -13.90 -0.34
C TYR A 186 -10.03 -14.79 0.57
N ASN A 187 -8.71 -14.83 0.33
CA ASN A 187 -7.80 -15.61 1.17
C ASN A 187 -7.01 -14.71 2.12
N MET A 188 -7.17 -14.90 3.43
CA MET A 188 -6.44 -14.10 4.43
C MET A 188 -4.96 -14.41 4.43
N SER A 205 -4.98 -26.83 -5.89
CA SER A 205 -5.33 -27.24 -7.25
C SER A 205 -5.39 -26.04 -8.22
N ARG A 206 -5.39 -26.34 -9.53
CA ARG A 206 -5.45 -25.34 -10.58
C ARG A 206 -6.80 -24.60 -10.54
N ALA A 207 -7.88 -25.35 -10.27
CA ALA A 207 -9.24 -24.80 -10.20
C ALA A 207 -9.41 -23.70 -9.15
N ILE A 208 -8.83 -23.86 -7.95
CA ILE A 208 -8.97 -22.84 -6.89
C ILE A 208 -8.13 -21.61 -7.24
N TRP A 209 -6.95 -21.79 -7.85
CA TRP A 209 -6.11 -20.67 -8.27
C TRP A 209 -6.81 -19.89 -9.40
N TYR A 210 -7.50 -20.61 -10.30
CA TYR A 210 -8.25 -20.00 -11.40
C TYR A 210 -9.44 -19.19 -10.87
N MET A 211 -10.09 -19.70 -9.82
CA MET A 211 -11.23 -19.04 -9.18
C MET A 211 -10.80 -17.77 -8.42
N TRP A 212 -9.60 -17.79 -7.81
CA TRP A 212 -9.09 -16.63 -7.10
C TRP A 212 -8.69 -15.56 -8.12
N LEU A 213 -7.88 -15.94 -9.13
CA LEU A 213 -7.46 -14.98 -10.16
C LEU A 213 -8.68 -14.46 -10.97
N GLY A 214 -9.72 -15.29 -11.12
CA GLY A 214 -10.98 -14.95 -11.79
C GLY A 214 -11.76 -13.90 -11.04
N VAL A 215 -11.71 -13.97 -9.69
CA VAL A 215 -12.35 -13.03 -8.78
C VAL A 215 -11.65 -11.67 -8.88
N ARG A 216 -10.31 -11.69 -8.93
CA ARG A 216 -9.50 -10.50 -9.06
C ARG A 216 -9.75 -9.88 -10.44
N TYR A 217 -9.88 -10.71 -11.50
CA TYR A 217 -10.18 -10.19 -12.83
C TYR A 217 -11.55 -9.49 -12.83
N LEU A 218 -12.57 -10.12 -12.29
CA LEU A 218 -13.92 -9.55 -12.26
C LEU A 218 -13.97 -8.25 -11.47
N GLU A 219 -13.18 -8.15 -10.41
CA GLU A 219 -13.10 -6.93 -9.63
C GLU A 219 -12.40 -5.85 -10.43
N PHE A 220 -11.30 -6.21 -11.12
CA PHE A 220 -10.55 -5.32 -12.00
C PHE A 220 -11.44 -4.82 -13.14
N GLU A 221 -12.23 -5.72 -13.73
CA GLU A 221 -13.15 -5.36 -14.82
C GLU A 221 -14.15 -4.28 -14.37
N ALA A 222 -14.71 -4.43 -13.18
CA ALA A 222 -15.73 -3.51 -12.68
C ALA A 222 -15.21 -2.25 -11.97
N LEU A 223 -14.09 -2.35 -11.26
CA LEU A 223 -13.57 -1.20 -10.49
C LEU A 223 -12.14 -0.76 -10.82
N GLY A 224 -11.49 -1.46 -11.73
CA GLY A 224 -10.14 -1.16 -12.16
C GLY A 224 -9.96 0.21 -12.77
N PHE A 225 -11.03 0.82 -13.29
CA PHE A 225 -10.96 2.15 -13.86
C PHE A 225 -10.41 3.21 -12.90
N LEU A 226 -10.66 3.07 -11.59
CA LEU A 226 -10.20 4.02 -10.59
C LEU A 226 -8.67 4.14 -10.63
N ASN A 227 -7.99 3.00 -10.78
CA ASN A 227 -6.54 2.95 -10.90
C ASN A 227 -6.09 3.21 -12.35
N GLU A 228 -6.63 2.46 -13.34
CA GLU A 228 -6.20 2.55 -14.73
C GLU A 228 -6.40 3.91 -15.36
N ASP A 229 -7.48 4.61 -14.96
CA ASP A 229 -7.74 5.95 -15.49
C ASP A 229 -7.35 7.08 -14.53
N HIS A 230 -6.52 6.79 -13.51
CA HIS A 230 -5.94 7.79 -12.61
C HIS A 230 -6.96 8.69 -11.91
N TRP A 231 -8.01 8.10 -11.33
CA TRP A 231 -9.02 8.89 -10.63
C TRP A 231 -8.46 9.61 -9.41
N PHE A 232 -7.43 9.04 -8.79
CA PHE A 232 -6.78 9.61 -7.61
C PHE A 232 -5.42 10.26 -7.93
N SER A 233 -5.25 10.71 -9.19
CA SER A 233 -4.09 11.53 -9.55
C SER A 233 -4.30 12.89 -8.85
N ARG A 234 -3.21 13.66 -8.65
CA ARG A 234 -3.35 14.95 -8.00
C ARG A 234 -4.18 15.90 -8.83
N GLU A 235 -4.04 15.88 -10.16
CA GLU A 235 -4.81 16.76 -11.04
C GLU A 235 -6.31 16.44 -10.96
N ASN A 236 -6.66 15.15 -10.90
CA ASN A 236 -8.08 14.79 -10.83
C ASN A 236 -8.71 14.91 -9.45
N SER A 237 -7.98 14.54 -8.38
CA SER A 237 -8.56 14.49 -7.04
C SER A 237 -8.16 15.59 -6.09
N TYR A 238 -7.12 16.39 -6.44
CA TYR A 238 -6.58 17.49 -5.64
C TYR A 238 -5.73 17.01 -4.47
N SER A 239 -6.25 16.08 -3.67
CA SER A 239 -5.57 15.51 -2.54
C SER A 239 -4.72 14.31 -2.89
N GLY A 240 -5.09 13.57 -3.92
CA GLY A 240 -4.42 12.31 -4.25
C GLY A 240 -3.02 12.49 -4.76
N VAL A 241 -2.25 11.40 -4.75
CA VAL A 241 -0.86 11.39 -5.24
C VAL A 241 -0.60 10.20 -6.19
N GLU A 242 -1.67 9.62 -6.80
CA GLU A 242 -1.51 8.47 -7.67
C GLU A 242 -0.74 8.81 -8.92
N GLY A 243 0.27 7.99 -9.21
CA GLY A 243 1.14 8.19 -10.37
C GLY A 243 2.30 9.13 -10.09
N GLU A 244 2.35 9.76 -8.92
CA GLU A 244 3.43 10.71 -8.60
C GLU A 244 4.79 10.01 -8.38
N GLY A 245 4.85 8.96 -7.59
CA GLY A 245 6.13 8.30 -7.31
C GLY A 245 6.75 8.81 -6.03
N LEU A 246 7.45 7.94 -5.31
CA LEU A 246 8.08 8.29 -4.05
C LEU A 246 8.95 9.53 -4.15
N HIS A 247 9.66 9.67 -5.29
CA HIS A 247 10.55 10.80 -5.54
C HIS A 247 9.81 12.14 -5.73
N LYS A 248 8.47 12.13 -5.84
CA LYS A 248 7.71 13.37 -6.01
C LYS A 248 6.92 13.77 -4.75
N LEU A 249 6.68 12.83 -3.82
CA LEU A 249 5.88 13.09 -2.60
C LEU A 249 6.42 14.20 -1.70
N GLY A 250 7.74 14.29 -1.58
CA GLY A 250 8.34 15.33 -0.76
C GLY A 250 8.09 16.71 -1.34
N TYR A 251 8.20 16.81 -2.66
CA TYR A 251 7.93 18.06 -3.38
C TYR A 251 6.47 18.48 -3.17
N ILE A 252 5.54 17.54 -3.16
CA ILE A 252 4.11 17.84 -2.94
C ILE A 252 3.89 18.33 -1.48
N LEU A 253 4.54 17.69 -0.49
CA LEU A 253 4.44 18.16 0.91
C LEU A 253 5.03 19.57 1.02
N ARG A 254 6.15 19.83 0.30
CA ARG A 254 6.73 21.17 0.32
C ARG A 254 5.76 22.19 -0.29
N ASP A 255 5.08 21.83 -1.39
CA ASP A 255 4.10 22.75 -1.99
C ASP A 255 2.93 23.00 -1.05
N ILE A 256 2.47 21.97 -0.33
CA ILE A 256 1.40 22.12 0.65
C ILE A 256 1.83 23.07 1.77
N SER A 257 3.12 23.01 2.20
CA SER A 257 3.64 23.88 3.27
C SER A 257 3.51 25.37 2.96
N LYS A 258 3.40 25.74 1.67
CA LYS A 258 3.26 27.13 1.24
C LYS A 258 1.85 27.68 1.40
N ILE A 259 0.85 26.80 1.58
CA ILE A 259 -0.53 27.24 1.71
C ILE A 259 -0.72 27.83 3.08
N PRO A 260 -1.24 29.07 3.17
CA PRO A 260 -1.47 29.68 4.50
C PRO A 260 -2.41 28.83 5.36
N GLY A 261 -2.11 28.74 6.65
CA GLY A 261 -2.96 27.97 7.56
C GLY A 261 -2.22 27.57 8.81
N GLY A 262 -2.65 26.47 9.42
CA GLY A 262 -2.03 25.95 10.64
C GLY A 262 -0.93 24.97 10.33
N ALA A 263 -0.64 24.09 11.28
CA ALA A 263 0.40 23.07 11.12
C ALA A 263 -0.03 21.96 10.17
N MET A 264 0.91 21.09 9.84
CA MET A 264 0.59 19.94 8.98
C MET A 264 0.36 18.74 9.88
N TYR A 265 -0.81 18.12 9.76
CA TYR A 265 -1.21 16.98 10.59
C TYR A 265 -1.14 15.70 9.76
N ALA A 266 -0.58 14.65 10.33
CA ALA A 266 -0.48 13.34 9.68
C ALA A 266 -0.84 12.26 10.70
N ASP A 267 -2.10 12.18 11.09
CA ASP A 267 -2.54 11.18 12.09
C ASP A 267 -2.68 9.80 11.44
N ASP A 268 -2.13 8.79 12.09
CA ASP A 268 -2.17 7.41 11.67
C ASP A 268 -3.43 6.79 12.30
N THR A 269 -4.26 6.11 11.50
CA THR A 269 -5.45 5.41 12.02
C THR A 269 -5.02 4.01 12.46
N ALA A 270 -5.58 3.50 13.54
CA ALA A 270 -5.26 2.12 13.96
C ALA A 270 -6.03 1.11 13.09
N GLY A 271 -5.33 0.32 12.27
CA GLY A 271 -6.00 -0.69 11.43
C GLY A 271 -7.12 -0.16 10.56
N TRP A 272 -6.80 0.78 9.68
CA TRP A 272 -7.75 1.46 8.76
C TRP A 272 -8.75 0.50 8.13
N ASP A 273 -8.27 -0.59 7.56
CA ASP A 273 -9.12 -1.56 6.82
C ASP A 273 -10.19 -2.16 7.74
N THR A 274 -9.87 -2.39 9.01
CA THR A 274 -10.83 -2.94 10.00
C THR A 274 -11.84 -1.87 10.46
N ARG A 275 -11.60 -0.60 10.14
CA ARG A 275 -12.50 0.48 10.54
C ARG A 275 -13.42 0.98 9.41
N ILE A 276 -13.40 0.29 8.27
CA ILE A 276 -14.26 0.63 7.15
C ILE A 276 -15.62 0.07 7.54
N THR A 277 -16.57 0.93 7.80
CA THR A 277 -17.89 0.53 8.28
C THR A 277 -18.85 0.21 7.12
N GLU A 278 -20.03 -0.37 7.44
CA GLU A 278 -21.08 -0.60 6.48
C GLU A 278 -21.53 0.75 5.88
N ASP A 279 -21.51 1.83 6.66
CA ASP A 279 -21.85 3.17 6.14
C ASP A 279 -20.80 3.66 5.13
N ASP A 280 -19.50 3.43 5.42
CA ASP A 280 -18.43 3.78 4.46
C ASP A 280 -18.61 3.02 3.14
N LEU A 281 -18.95 1.74 3.19
CA LEU A 281 -19.18 0.92 1.99
C LEU A 281 -20.34 1.40 1.14
N HIS A 282 -21.42 1.86 1.78
CA HIS A 282 -22.56 2.37 1.03
CA HIS A 282 -22.61 2.42 1.14
C HIS A 282 -22.24 3.72 0.40
N ASN A 283 -21.36 4.53 1.02
CA ASN A 283 -20.91 5.80 0.46
C ASN A 283 -19.96 5.58 -0.74
N GLU A 284 -19.11 4.56 -0.66
CA GLU A 284 -18.20 4.20 -1.75
C GLU A 284 -18.95 3.67 -2.96
N GLU A 285 -20.04 2.95 -2.72
CA GLU A 285 -20.85 2.37 -3.78
C GLU A 285 -21.55 3.43 -4.64
N LYS A 286 -21.68 4.69 -4.17
CA LYS A 286 -22.32 5.77 -4.92
C LYS A 286 -21.71 6.04 -6.30
N ILE A 287 -20.47 5.58 -6.53
CA ILE A 287 -19.81 5.74 -7.83
C ILE A 287 -20.59 5.00 -8.94
N ILE A 288 -21.34 3.93 -8.61
CA ILE A 288 -22.12 3.21 -9.61
C ILE A 288 -23.15 4.12 -10.31
N GLN A 289 -23.55 5.24 -9.67
CA GLN A 289 -24.49 6.19 -10.26
C GLN A 289 -23.95 6.89 -11.51
N GLN A 290 -22.63 6.92 -11.68
CA GLN A 290 -22.02 7.53 -12.88
C GLN A 290 -21.68 6.52 -13.99
N MET A 291 -22.00 5.23 -13.79
CA MET A 291 -21.65 4.20 -14.75
C MET A 291 -22.72 3.95 -15.79
N ASP A 292 -22.33 3.42 -16.94
CA ASP A 292 -23.26 2.96 -17.97
C ASP A 292 -24.03 1.73 -17.44
N PRO A 293 -25.23 1.40 -17.95
CA PRO A 293 -25.98 0.24 -17.43
C PRO A 293 -25.24 -1.11 -17.33
N GLU A 294 -24.51 -1.52 -18.39
CA GLU A 294 -23.78 -2.78 -18.38
C GLU A 294 -22.63 -2.78 -17.32
N HIS A 295 -22.03 -1.61 -17.06
CA HIS A 295 -20.95 -1.50 -16.08
C HIS A 295 -21.53 -1.47 -14.67
N ARG A 296 -22.61 -0.70 -14.46
N ARG A 296 -22.61 -0.70 -14.49
CA ARG A 296 -23.24 -0.61 -13.14
CA ARG A 296 -23.32 -0.56 -13.23
C ARG A 296 -23.68 -1.97 -12.64
C ARG A 296 -23.72 -1.92 -12.65
N GLN A 297 -24.23 -2.82 -13.52
CA GLN A 297 -24.66 -4.16 -13.15
C GLN A 297 -23.50 -5.00 -12.56
N LEU A 298 -22.33 -4.94 -13.22
CA LEU A 298 -21.14 -5.66 -12.80
C LEU A 298 -20.52 -5.07 -11.54
N ALA A 299 -20.44 -3.73 -11.45
CA ALA A 299 -19.86 -3.10 -10.26
C ALA A 299 -20.77 -3.26 -9.05
N ASN A 300 -22.09 -3.24 -9.26
CA ASN A 300 -23.06 -3.48 -8.18
C ASN A 300 -22.86 -4.90 -7.63
N ALA A 301 -22.59 -5.88 -8.51
CA ALA A 301 -22.33 -7.25 -8.06
C ALA A 301 -21.06 -7.30 -7.22
N ILE A 302 -19.99 -6.58 -7.61
CA ILE A 302 -18.75 -6.57 -6.80
C ILE A 302 -19.05 -5.95 -5.42
N PHE A 303 -19.69 -4.77 -5.40
CA PHE A 303 -20.03 -4.09 -4.15
C PHE A 303 -20.91 -4.95 -3.25
N LYS A 304 -22.05 -5.43 -3.73
CA LYS A 304 -22.98 -6.24 -2.94
C LYS A 304 -22.47 -7.63 -2.58
N LEU A 305 -21.83 -8.33 -3.53
CA LEU A 305 -21.45 -9.72 -3.27
C LEU A 305 -20.08 -9.93 -2.68
N THR A 306 -19.09 -9.06 -2.95
CA THR A 306 -17.74 -9.30 -2.44
C THR A 306 -17.20 -8.21 -1.51
N TYR A 307 -17.83 -7.03 -1.46
CA TYR A 307 -17.35 -5.97 -0.58
C TYR A 307 -18.24 -5.83 0.67
N GLN A 308 -19.55 -5.79 0.48
CA GLN A 308 -20.55 -5.64 1.56
C GLN A 308 -21.00 -6.96 2.20
N ASN A 309 -20.58 -8.07 1.62
CA ASN A 309 -20.79 -9.43 2.03
C ASN A 309 -19.52 -10.08 1.52
N LYS A 310 -18.82 -10.83 2.34
CA LYS A 310 -17.59 -11.49 1.89
C LYS A 310 -17.42 -12.85 2.50
N VAL A 311 -16.74 -13.74 1.79
CA VAL A 311 -16.46 -15.09 2.26
C VAL A 311 -14.95 -15.20 2.30
N VAL A 312 -14.39 -15.48 3.47
CA VAL A 312 -12.96 -15.49 3.66
C VAL A 312 -12.45 -16.85 4.16
N LYS A 313 -11.28 -17.26 3.68
CA LYS A 313 -10.57 -18.48 4.10
C LYS A 313 -9.38 -18.07 4.98
N VAL A 314 -9.24 -18.70 6.15
CA VAL A 314 -8.09 -18.40 7.03
C VAL A 314 -7.58 -19.70 7.65
N GLN A 315 -6.25 -19.92 7.66
CA GLN A 315 -5.70 -21.14 8.24
C GLN A 315 -5.64 -21.08 9.76
N ARG A 316 -5.79 -22.23 10.41
CA ARG A 316 -5.73 -22.29 11.87
C ARG A 316 -5.12 -23.61 12.35
N PRO A 317 -4.12 -23.53 13.24
CA PRO A 317 -3.54 -24.77 13.77
C PRO A 317 -4.41 -25.41 14.85
N THR A 318 -4.60 -26.72 14.75
CA THR A 318 -5.38 -27.51 15.72
C THR A 318 -4.45 -28.55 16.38
N PRO A 319 -4.86 -29.19 17.49
CA PRO A 319 -3.98 -30.20 18.12
C PRO A 319 -3.59 -31.36 17.18
N THR A 320 -4.47 -31.64 16.23
CA THR A 320 -4.28 -32.77 15.29
C THR A 320 -3.84 -32.29 13.91
N GLY A 321 -3.59 -31.00 13.70
CA GLY A 321 -3.18 -30.58 12.35
C GLY A 321 -3.56 -29.15 12.03
N THR A 322 -3.79 -28.87 10.76
CA THR A 322 -4.15 -27.50 10.29
C THR A 322 -5.48 -27.54 9.54
N VAL A 323 -6.37 -26.60 9.85
CA VAL A 323 -7.66 -26.49 9.17
C VAL A 323 -7.75 -25.13 8.46
N MET A 324 -8.66 -25.03 7.50
CA MET A 324 -8.97 -23.81 6.80
C MET A 324 -10.36 -23.45 7.28
N ASP A 325 -10.54 -22.26 7.84
CA ASP A 325 -11.84 -21.84 8.34
C ASP A 325 -12.53 -20.98 7.31
N ILE A 326 -13.84 -21.12 7.21
CA ILE A 326 -14.64 -20.33 6.30
C ILE A 326 -15.44 -19.36 7.12
N ILE A 327 -15.16 -18.08 6.97
CA ILE A 327 -15.85 -17.05 7.78
C ILE A 327 -16.42 -15.96 6.87
N SER A 328 -17.33 -15.15 7.42
CA SER A 328 -17.96 -14.05 6.66
C SER A 328 -18.29 -12.87 7.58
N ARG A 329 -18.43 -11.68 6.99
CA ARG A 329 -18.84 -10.44 7.67
C ARG A 329 -19.30 -9.42 6.64
N LYS A 330 -20.00 -8.38 7.08
CA LYS A 330 -20.55 -7.39 6.16
C LYS A 330 -19.71 -6.13 6.00
N ASP A 331 -18.84 -5.84 6.96
CA ASP A 331 -18.00 -4.63 6.91
C ASP A 331 -16.53 -5.02 6.85
N GLN A 332 -15.66 -4.01 6.88
CA GLN A 332 -14.19 -4.04 6.72
C GLN A 332 -13.81 -4.23 5.24
N ARG A 333 -12.52 -4.26 4.97
CA ARG A 333 -12.09 -4.49 3.58
C ARG A 333 -11.42 -5.84 3.47
N GLY A 334 -11.31 -6.33 2.24
CA GLY A 334 -10.43 -7.49 2.00
C GLY A 334 -9.19 -6.87 1.39
N SER A 335 -8.07 -6.88 2.13
CA SER A 335 -6.83 -6.17 1.72
C SER A 335 -6.32 -6.64 0.35
N GLY A 336 -6.46 -7.93 0.03
CA GLY A 336 -6.00 -8.46 -1.26
C GLY A 336 -6.63 -7.74 -2.43
N GLN A 337 -7.88 -7.30 -2.30
CA GLN A 337 -8.51 -6.55 -3.41
C GLN A 337 -7.67 -5.30 -3.68
N VAL A 338 -7.33 -5.03 -4.94
CA VAL A 338 -6.49 -3.83 -5.27
C VAL A 338 -7.42 -2.64 -5.48
N GLY A 339 -8.73 -2.89 -5.57
CA GLY A 339 -9.73 -1.82 -5.63
C GLY A 339 -9.82 -1.15 -4.27
N THR A 340 -9.12 -1.69 -3.29
CA THR A 340 -9.18 -1.11 -1.97
C THR A 340 -8.33 0.14 -1.85
N TYR A 341 -7.24 0.28 -2.65
CA TYR A 341 -6.40 1.48 -2.55
C TYR A 341 -7.21 2.74 -2.88
N GLY A 342 -7.91 2.71 -4.00
CA GLY A 342 -8.73 3.82 -4.48
C GLY A 342 -9.89 4.12 -3.55
N LEU A 343 -10.58 3.09 -3.08
CA LEU A 343 -11.70 3.29 -2.15
C LEU A 343 -11.23 3.78 -0.77
N ASN A 344 -10.05 3.33 -0.30
CA ASN A 344 -9.49 3.84 0.95
C ASN A 344 -9.14 5.29 0.79
N THR A 345 -8.57 5.68 -0.38
CA THR A 345 -8.20 7.08 -0.63
C THR A 345 -9.46 7.93 -0.61
N PHE A 346 -10.53 7.47 -1.30
CA PHE A 346 -11.82 8.17 -1.34
C PHE A 346 -12.36 8.42 0.08
N THR A 347 -12.48 7.37 0.88
CA THR A 347 -13.04 7.47 2.25
C THR A 347 -12.15 8.31 3.17
N ASN A 348 -10.83 8.26 2.98
CA ASN A 348 -9.94 9.09 3.77
C ASN A 348 -10.09 10.57 3.36
N MET A 349 -10.23 10.86 2.03
CA MET A 349 -10.46 12.25 1.59
C MET A 349 -11.76 12.78 2.20
N GLU A 350 -12.83 11.96 2.16
CA GLU A 350 -14.10 12.32 2.74
C GLU A 350 -13.97 12.57 4.28
N ALA A 351 -13.34 11.65 5.04
CA ALA A 351 -13.17 11.80 6.49
C ALA A 351 -12.37 13.04 6.85
N GLN A 352 -11.30 13.36 6.07
CA GLN A 352 -10.51 14.54 6.38
C GLN A 352 -11.25 15.84 6.06
N LEU A 353 -12.10 15.84 5.05
CA LEU A 353 -12.93 17.03 4.76
C LEU A 353 -13.91 17.23 5.93
N VAL A 354 -14.49 16.13 6.45
CA VAL A 354 -15.41 16.19 7.58
C VAL A 354 -14.65 16.73 8.82
N ARG A 355 -13.42 16.24 9.07
CA ARG A 355 -12.63 16.77 10.19
C ARG A 355 -12.28 18.26 10.01
N GLN A 356 -11.96 18.69 8.79
CA GLN A 356 -11.70 20.10 8.52
C GLN A 356 -12.97 20.94 8.79
N MET A 357 -14.17 20.45 8.41
CA MET A 357 -15.45 21.14 8.68
C MET A 357 -15.63 21.31 10.20
N GLU A 358 -15.35 20.25 10.97
CA GLU A 358 -15.46 20.32 12.43
C GLU A 358 -14.50 21.38 13.00
N GLY A 359 -13.26 21.39 12.52
CA GLY A 359 -12.26 22.36 13.00
C GLY A 359 -12.69 23.79 12.72
N GLU A 360 -13.32 24.02 11.58
CA GLU A 360 -13.80 25.35 11.20
C GLU A 360 -15.13 25.77 11.86
N GLY A 361 -15.69 24.91 12.68
CA GLY A 361 -16.94 25.23 13.39
C GLY A 361 -18.19 24.93 12.59
N VAL A 362 -18.04 24.44 11.37
CA VAL A 362 -19.18 24.07 10.49
C VAL A 362 -19.97 22.90 11.09
N LEU A 363 -19.26 21.94 11.66
CA LEU A 363 -19.90 20.75 12.29
C LEU A 363 -19.70 20.82 13.79
N THR A 364 -20.77 20.88 14.54
CA THR A 364 -20.70 20.91 16.00
C THR A 364 -21.02 19.50 16.58
N LYS A 365 -20.79 19.30 17.89
CA LYS A 365 -21.15 18.07 18.59
C LYS A 365 -22.67 17.82 18.46
N ALA A 366 -23.49 18.90 18.56
CA ALA A 366 -24.94 18.74 18.43
C ALA A 366 -25.35 18.25 17.03
N ASP A 367 -24.64 18.72 15.98
CA ASP A 367 -24.92 18.27 14.60
C ASP A 367 -24.64 16.80 14.44
N LEU A 368 -23.55 16.30 15.04
CA LEU A 368 -23.20 14.88 14.88
C LEU A 368 -24.25 13.96 15.42
N GLU A 369 -24.93 14.34 16.49
CA GLU A 369 -25.98 13.51 17.08
C GLU A 369 -27.34 13.67 16.38
N ASN A 370 -27.48 14.71 15.54
CA ASN A 370 -28.72 15.11 14.89
C ASN A 370 -28.95 14.51 13.51
N PRO A 371 -29.95 13.52 13.27
CA PRO A 371 -30.62 12.75 11.93
C PRO A 371 -31.04 13.99 11.11
N HIS A 372 -31.51 15.05 11.79
CA HIS A 372 -32.09 16.25 11.14
C HIS A 372 -31.15 17.45 11.02
N LEU A 373 -29.82 17.26 10.92
CA LEU A 373 -28.90 18.44 10.81
C LEU A 373 -29.11 19.24 9.52
N LEU A 374 -28.69 20.49 9.50
CA LEU A 374 -28.95 21.32 8.30
C LEU A 374 -28.00 20.90 7.18
N GLU A 375 -28.57 20.28 6.15
CA GLU A 375 -27.80 19.76 5.00
C GLU A 375 -27.19 20.92 4.22
N LYS A 376 -27.92 22.02 4.09
CA LYS A 376 -27.49 23.17 3.27
C LYS A 376 -26.19 23.81 3.73
N LYS A 377 -25.91 23.91 5.05
CA LYS A 377 -24.64 24.51 5.47
C LYS A 377 -23.43 23.62 5.11
N ILE A 378 -23.63 22.30 5.00
CA ILE A 378 -22.56 21.39 4.60
C ILE A 378 -22.35 21.53 3.09
N THR A 379 -23.44 21.56 2.31
CA THR A 379 -23.41 21.73 0.86
C THR A 379 -22.75 23.07 0.50
N GLN A 380 -23.10 24.14 1.23
CA GLN A 380 -22.49 25.44 0.97
C GLN A 380 -21.00 25.45 1.23
N TRP A 381 -20.54 24.80 2.33
CA TRP A 381 -19.12 24.72 2.62
C TRP A 381 -18.41 23.92 1.52
N LEU A 382 -19.00 22.80 1.08
CA LEU A 382 -18.40 22.00 0.01
C LEU A 382 -18.30 22.78 -1.31
N GLU A 383 -19.40 23.43 -1.73
CA GLU A 383 -19.43 24.17 -2.98
C GLU A 383 -18.56 25.42 -2.99
N THR A 384 -18.32 26.04 -1.83
CA THR A 384 -17.48 27.25 -1.80
C THR A 384 -16.03 26.98 -1.41
N LYS A 385 -15.79 25.98 -0.56
CA LYS A 385 -14.40 25.76 -0.05
C LYS A 385 -13.89 24.33 -0.23
N GLY A 386 -14.71 23.40 -0.70
CA GLY A 386 -14.31 21.97 -0.74
C GLY A 386 -13.07 21.69 -1.54
N VAL A 387 -12.95 22.26 -2.74
CA VAL A 387 -11.74 22.02 -3.58
C VAL A 387 -10.53 22.68 -2.92
N GLU A 388 -10.70 23.89 -2.40
CA GLU A 388 -9.56 24.56 -1.74
C GLU A 388 -9.07 23.70 -0.56
N ARG A 389 -10.01 23.09 0.18
CA ARG A 389 -9.66 22.23 1.33
C ARG A 389 -9.02 20.91 0.92
N LEU A 390 -9.39 20.39 -0.25
CA LEU A 390 -8.79 19.17 -0.80
C LEU A 390 -7.32 19.45 -1.19
N LYS A 391 -7.03 20.65 -1.69
CA LYS A 391 -5.67 21.05 -2.10
C LYS A 391 -4.69 21.15 -0.94
N ARG A 392 -5.20 21.26 0.30
CA ARG A 392 -4.40 21.30 1.54
C ARG A 392 -4.02 19.90 2.03
N MET A 393 -4.30 18.84 1.25
CA MET A 393 -4.04 17.48 1.69
C MET A 393 -3.26 16.67 0.69
N ALA A 394 -2.57 15.65 1.18
CA ALA A 394 -1.86 14.62 0.40
C ALA A 394 -2.42 13.35 1.00
N ILE A 395 -3.19 12.57 0.22
CA ILE A 395 -3.85 11.39 0.74
C ILE A 395 -3.58 10.19 -0.14
N SER A 396 -3.15 9.09 0.47
CA SER A 396 -2.80 7.87 -0.22
C SER A 396 -3.26 6.69 0.61
N GLY A 397 -4.42 6.12 0.25
CA GLY A 397 -5.02 5.05 1.04
C GLY A 397 -5.34 5.58 2.44
N ASP A 398 -4.85 4.92 3.49
CA ASP A 398 -5.05 5.41 4.85
C ASP A 398 -4.03 6.49 5.29
N ASP A 399 -3.05 6.82 4.45
CA ASP A 399 -2.05 7.84 4.77
C ASP A 399 -2.56 9.22 4.44
N CYS A 400 -2.49 10.16 5.37
CA CYS A 400 -2.92 11.53 5.07
C CYS A 400 -2.03 12.56 5.69
N VAL A 401 -1.87 13.67 5.01
CA VAL A 401 -1.23 14.87 5.50
C VAL A 401 -2.26 15.97 5.27
N VAL A 402 -2.61 16.75 6.28
CA VAL A 402 -3.61 17.81 6.13
C VAL A 402 -3.03 19.10 6.68
N LYS A 403 -3.15 20.20 5.94
CA LYS A 403 -2.74 21.50 6.45
C LYS A 403 -4.01 22.34 6.54
N PRO A 404 -4.69 22.30 7.69
CA PRO A 404 -5.96 23.05 7.83
C PRO A 404 -5.81 24.57 7.86
N ILE A 405 -6.92 25.30 7.82
CA ILE A 405 -6.83 26.78 7.78
C ILE A 405 -6.28 27.34 9.11
N ASP A 406 -6.37 26.56 10.18
CA ASP A 406 -5.87 26.93 11.53
C ASP A 406 -5.73 25.67 12.38
N ASP A 407 -5.25 25.82 13.60
CA ASP A 407 -4.98 24.68 14.50
C ASP A 407 -6.20 24.17 15.28
N ARG A 408 -7.39 24.73 15.08
CA ARG A 408 -8.58 24.18 15.75
C ARG A 408 -8.77 22.69 15.36
N PHE A 409 -8.29 22.30 14.17
CA PHE A 409 -8.29 20.95 13.64
C PHE A 409 -7.67 19.96 14.62
N ALA A 410 -6.60 20.37 15.32
CA ALA A 410 -5.89 19.54 16.30
C ALA A 410 -6.84 18.95 17.34
N ASN A 411 -7.84 19.72 17.71
CA ASN A 411 -8.84 19.32 18.73
C ASN A 411 -10.19 18.91 18.12
N ALA A 412 -10.32 18.88 16.80
CA ALA A 412 -11.56 18.46 16.14
C ALA A 412 -11.50 16.95 16.00
N LEU A 413 -11.95 16.23 17.02
CA LEU A 413 -11.84 14.74 17.06
C LEU A 413 -13.21 14.06 17.18
N LEU A 414 -14.28 14.82 17.36
CA LEU A 414 -15.61 14.19 17.54
C LEU A 414 -16.01 13.34 16.33
N ALA A 415 -15.96 13.93 15.12
CA ALA A 415 -16.35 13.24 13.91
C ALA A 415 -15.37 12.16 13.58
N LEU A 416 -14.05 12.41 13.67
CA LEU A 416 -13.01 11.42 13.36
C LEU A 416 -13.20 10.14 14.18
N ASN A 417 -13.34 10.26 15.49
CA ASN A 417 -13.56 9.08 16.35
C ASN A 417 -14.93 8.45 16.06
N ASP A 418 -15.98 9.27 15.88
CA ASP A 418 -17.32 8.74 15.60
C ASP A 418 -17.40 7.97 14.24
N MET A 419 -16.66 8.43 13.24
CA MET A 419 -16.60 7.74 11.96
C MET A 419 -15.88 6.37 12.06
N GLY A 420 -15.26 6.13 13.21
CA GLY A 420 -14.55 4.88 13.46
C GLY A 420 -13.07 4.97 13.15
N LYS A 421 -12.61 6.11 12.66
CA LYS A 421 -11.18 6.27 12.31
C LYS A 421 -10.37 6.71 13.53
N VAL A 422 -10.30 5.86 14.54
CA VAL A 422 -9.58 6.16 15.81
C VAL A 422 -8.09 6.18 15.54
N ARG A 423 -7.43 7.23 16.02
CA ARG A 423 -5.99 7.38 15.83
C ARG A 423 -5.21 6.33 16.64
N LYS A 424 -4.11 5.87 16.07
CA LYS A 424 -3.27 4.85 16.66
C LYS A 424 -2.43 5.40 17.85
N ASP A 425 -2.33 4.60 18.94
CA ASP A 425 -1.47 4.84 20.13
C ASP A 425 -1.51 6.26 20.71
N ILE A 426 -2.71 6.77 20.92
CA ILE A 426 -2.91 8.07 21.55
C ILE A 426 -4.27 8.03 22.21
N PRO A 427 -4.45 8.60 23.43
CA PRO A 427 -5.80 8.64 24.02
C PRO A 427 -6.79 9.29 23.06
N GLN A 428 -8.00 8.75 23.02
CA GLN A 428 -9.05 9.18 22.06
C GLN A 428 -9.22 10.71 21.99
N TRP A 429 -9.24 11.40 23.13
CA TRP A 429 -9.51 12.86 23.12
C TRP A 429 -8.26 13.72 23.29
N GLN A 430 -7.08 13.12 23.39
CA GLN A 430 -5.87 13.96 23.55
C GLN A 430 -5.65 14.60 22.20
N PRO A 431 -5.45 16.05 21.93
CA PRO A 431 -5.27 16.77 20.66
C PRO A 431 -4.14 16.21 19.80
N SER A 432 -4.31 16.25 18.48
CA SER A 432 -3.29 15.78 17.55
C SER A 432 -2.10 16.71 17.62
N LYS A 433 -0.93 16.14 17.36
CA LYS A 433 0.29 16.95 17.32
C LYS A 433 0.56 17.24 15.86
N GLY A 434 0.68 18.51 15.51
CA GLY A 434 1.01 18.90 14.14
C GLY A 434 2.47 19.30 14.00
N TRP A 435 2.93 19.38 12.76
CA TRP A 435 4.29 19.80 12.46
C TRP A 435 4.32 21.12 11.76
N HIS A 436 5.23 21.98 12.20
CA HIS A 436 5.44 23.24 11.53
C HIS A 436 6.58 23.16 10.48
N ASP A 437 7.27 22.03 10.36
CA ASP A 437 8.30 21.83 9.36
C ASP A 437 7.85 20.66 8.50
N TRP A 438 7.53 20.90 7.22
CA TRP A 438 7.07 19.85 6.33
C TRP A 438 8.05 18.65 6.24
N GLN A 439 9.34 18.92 6.49
CA GLN A 439 10.39 17.90 6.49
C GLN A 439 10.27 16.89 7.63
N GLN A 440 9.55 17.23 8.69
CA GLN A 440 9.33 16.31 9.80
C GLN A 440 8.05 15.46 9.61
N VAL A 441 7.22 15.77 8.61
CA VAL A 441 5.95 15.06 8.41
C VAL A 441 6.12 13.65 7.89
N PRO A 442 5.60 12.51 8.59
CA PRO A 442 5.44 10.86 8.29
C PRO A 442 4.41 10.89 7.15
N PHE A 443 4.82 10.41 5.99
CA PHE A 443 3.88 10.21 4.86
C PHE A 443 4.37 8.99 4.08
N CYS A 444 3.49 8.00 3.93
CA CYS A 444 3.80 6.77 3.18
C CYS A 444 5.11 6.15 3.65
N SER A 445 5.27 6.00 4.97
CA SER A 445 6.40 5.37 5.66
C SER A 445 7.72 6.14 5.51
N HIS A 446 7.66 7.38 5.03
CA HIS A 446 8.86 8.19 4.81
C HIS A 446 8.69 9.59 5.40
N HIS A 447 9.80 10.31 5.45
CA HIS A 447 9.86 11.74 5.70
C HIS A 447 10.76 12.27 4.55
N PHE A 448 10.79 13.59 4.33
CA PHE A 448 11.44 14.15 3.16
C PHE A 448 12.38 15.32 3.49
N HIS A 449 13.57 15.34 2.89
CA HIS A 449 14.54 16.40 3.18
C HIS A 449 14.77 17.25 1.96
N GLU A 450 14.95 18.54 2.17
CA GLU A 450 15.38 19.42 1.10
C GLU A 450 16.90 19.48 1.23
N LEU A 451 17.62 19.09 0.18
CA LEU A 451 19.07 19.10 0.15
C LEU A 451 19.57 20.15 -0.82
N ILE A 452 20.72 20.74 -0.53
CA ILE A 452 21.32 21.71 -1.41
C ILE A 452 22.49 21.04 -2.07
N MET A 453 22.49 20.97 -3.40
CA MET A 453 23.57 20.37 -4.15
C MET A 453 24.75 21.36 -4.17
N LYS A 454 25.97 20.87 -4.49
CA LYS A 454 27.15 21.74 -4.58
C LYS A 454 26.95 22.89 -5.57
N ASP A 455 26.12 22.70 -6.62
CA ASP A 455 25.90 23.77 -7.59
C ASP A 455 24.78 24.77 -7.20
N GLY A 456 24.21 24.63 -6.00
CA GLY A 456 23.17 25.52 -5.51
C GLY A 456 21.74 25.04 -5.74
N ARG A 457 21.55 24.04 -6.62
CA ARG A 457 20.19 23.53 -6.88
C ARG A 457 19.67 22.73 -5.70
N LYS A 458 18.37 22.81 -5.44
CA LYS A 458 17.76 22.10 -4.34
C LYS A 458 17.09 20.81 -4.84
N LEU A 459 17.13 19.75 -4.05
CA LEU A 459 16.47 18.47 -4.30
C LEU A 459 15.60 18.18 -3.10
N VAL A 460 14.49 17.49 -3.28
CA VAL A 460 13.65 17.06 -2.15
C VAL A 460 13.61 15.56 -2.23
N VAL A 461 14.23 14.89 -1.24
CA VAL A 461 14.42 13.45 -1.27
C VAL A 461 13.64 12.66 -0.22
N PRO A 462 13.30 11.39 -0.54
CA PRO A 462 12.61 10.55 0.45
C PRO A 462 13.60 9.88 1.39
N CYS A 463 13.15 9.65 2.61
CA CYS A 463 14.02 9.06 3.62
C CYS A 463 13.20 8.31 4.66
N ARG A 464 13.83 7.34 5.29
CA ARG A 464 13.24 6.52 6.37
C ARG A 464 14.37 5.96 7.24
N PRO A 465 14.10 5.43 8.45
CA PRO A 465 15.12 4.84 9.31
C PRO A 465 15.96 3.84 8.49
N GLN A 466 17.26 4.04 8.54
CA GLN A 466 18.15 3.22 7.71
C GLN A 466 18.09 1.74 8.05
N ASP A 467 17.83 1.41 9.33
CA ASP A 467 17.72 -0.01 9.72
C ASP A 467 16.58 -0.71 8.98
N GLU A 468 15.50 0.02 8.66
CA GLU A 468 14.37 -0.55 7.93
C GLU A 468 14.76 -0.86 6.50
N LEU A 469 15.57 0.02 5.87
CA LEU A 469 16.00 -0.16 4.48
C LEU A 469 16.95 -1.35 4.38
N ILE A 470 17.94 -1.42 5.30
CA ILE A 470 18.91 -2.52 5.33
C ILE A 470 18.22 -3.85 5.70
N GLY A 471 17.36 -3.81 6.70
CA GLY A 471 16.60 -4.98 7.15
C GLY A 471 15.74 -5.58 6.04
N ARG A 472 15.12 -4.74 5.23
CA ARG A 472 14.28 -5.20 4.14
C ARG A 472 15.12 -5.79 3.00
N ALA A 473 16.24 -5.14 2.65
CA ALA A 473 17.10 -5.64 1.58
C ALA A 473 17.74 -6.98 1.93
N ARG A 474 17.91 -7.27 3.22
CA ARG A 474 18.50 -8.55 3.64
C ARG A 474 17.50 -9.72 3.62
N ILE A 475 16.24 -9.48 3.24
CA ILE A 475 15.24 -10.53 3.18
C ILE A 475 15.03 -10.99 1.74
N SER A 476 15.26 -12.29 1.52
CA SER A 476 15.06 -12.92 0.20
C SER A 476 13.58 -13.24 0.04
N GLN A 477 13.10 -13.38 -1.18
CA GLN A 477 11.64 -13.61 -1.35
C GLN A 477 11.40 -14.89 -2.15
N GLY A 478 11.55 -16.03 -1.49
CA GLY A 478 11.32 -17.33 -2.12
C GLY A 478 12.33 -18.37 -1.65
N ALA A 479 11.96 -19.63 -1.80
CA ALA A 479 12.82 -20.75 -1.40
C ALA A 479 13.37 -21.46 -2.63
N GLY A 480 14.59 -21.98 -2.53
CA GLY A 480 15.21 -22.70 -3.65
C GLY A 480 15.83 -21.76 -4.66
N TRP A 481 15.89 -20.47 -4.34
CA TRP A 481 16.51 -19.49 -5.26
C TRP A 481 18.00 -19.75 -5.40
N SER A 482 18.50 -19.61 -6.63
CA SER A 482 19.95 -19.79 -6.93
C SER A 482 20.72 -18.55 -6.49
N LEU A 483 22.03 -18.68 -6.42
CA LEU A 483 22.86 -17.53 -6.05
C LEU A 483 22.64 -16.38 -7.04
N ARG A 484 22.37 -16.69 -8.33
CA ARG A 484 22.09 -15.70 -9.36
C ARG A 484 20.83 -14.88 -9.05
N GLU A 485 19.74 -15.55 -8.67
CA GLU A 485 18.47 -14.87 -8.36
C GLU A 485 18.58 -14.01 -7.10
N THR A 486 19.33 -14.50 -6.11
CA THR A 486 19.58 -13.82 -4.84
C THR A 486 20.46 -12.57 -5.06
N ALA A 487 21.52 -12.70 -5.88
CA ALA A 487 22.40 -11.58 -6.21
C ALA A 487 21.66 -10.53 -7.02
N CYS A 488 20.75 -10.96 -7.92
CA CYS A 488 19.98 -10.04 -8.73
C CYS A 488 18.95 -9.28 -7.90
N LEU A 489 18.42 -9.90 -6.83
CA LEU A 489 17.50 -9.20 -5.93
C LEU A 489 18.31 -8.18 -5.08
N GLY A 490 19.52 -8.56 -4.68
CA GLY A 490 20.43 -7.67 -3.96
C GLY A 490 20.77 -6.45 -4.81
N LYS A 491 21.04 -6.67 -6.11
CA LYS A 491 21.32 -5.62 -7.09
C LYS A 491 20.09 -4.70 -7.25
N ALA A 492 18.86 -5.27 -7.23
CA ALA A 492 17.65 -4.44 -7.33
C ALA A 492 17.56 -3.49 -6.11
N TYR A 493 17.84 -4.01 -4.91
CA TYR A 493 17.84 -3.20 -3.68
C TYR A 493 18.93 -2.13 -3.76
N ALA A 494 20.13 -2.50 -4.19
CA ALA A 494 21.24 -1.57 -4.31
C ALA A 494 20.94 -0.42 -5.29
N GLN A 495 20.33 -0.74 -6.43
CA GLN A 495 20.00 0.28 -7.42
C GLN A 495 18.86 1.17 -6.95
N MET A 496 17.92 0.62 -6.15
CA MET A 496 16.85 1.43 -5.58
C MET A 496 17.48 2.43 -4.59
N TRP A 497 18.46 2.00 -3.80
CA TRP A 497 19.19 2.87 -2.88
C TRP A 497 19.93 3.96 -3.64
N SER A 498 20.57 3.62 -4.75
CA SER A 498 21.30 4.61 -5.55
CA SER A 498 21.30 4.62 -5.54
C SER A 498 20.36 5.68 -6.12
N LEU A 499 19.10 5.32 -6.41
CA LEU A 499 18.14 6.27 -6.99
C LEU A 499 17.28 7.05 -5.99
N MET A 500 16.91 6.42 -4.89
CA MET A 500 16.04 7.05 -3.91
C MET A 500 16.73 7.47 -2.62
N TYR A 501 17.68 6.65 -2.16
CA TYR A 501 18.34 6.86 -0.85
C TYR A 501 19.85 7.05 -0.98
N PHE A 502 20.29 7.72 -2.04
CA PHE A 502 21.71 8.03 -2.36
C PHE A 502 22.32 8.96 -1.31
N HIS A 503 21.50 9.79 -0.69
CA HIS A 503 21.87 10.80 0.32
C HIS A 503 22.23 10.13 1.66
N ARG A 504 22.08 8.82 1.81
CA ARG A 504 22.45 8.15 3.04
C ARG A 504 23.82 7.56 2.76
N ARG A 505 24.85 7.99 3.50
CA ARG A 505 26.24 7.57 3.28
C ARG A 505 26.41 6.05 3.26
N ASP A 506 25.86 5.34 4.26
CA ASP A 506 26.01 3.88 4.33
C ASP A 506 25.36 3.21 3.16
N LEU A 507 24.20 3.69 2.72
CA LEU A 507 23.50 3.07 1.60
C LEU A 507 24.20 3.31 0.29
N ARG A 508 24.83 4.49 0.08
CA ARG A 508 25.57 4.67 -1.19
C ARG A 508 26.77 3.73 -1.24
N LEU A 509 27.45 3.54 -0.10
CA LEU A 509 28.62 2.67 0.00
C LEU A 509 28.17 1.21 -0.21
N ALA A 510 27.18 0.73 0.54
CA ALA A 510 26.66 -0.64 0.43
C ALA A 510 26.14 -0.89 -0.99
N SER A 511 25.46 0.09 -1.59
CA SER A 511 24.96 0.00 -2.97
C SER A 511 26.13 -0.23 -3.94
N ASN A 512 27.20 0.60 -3.86
CA ASN A 512 28.38 0.44 -4.70
C ASN A 512 29.02 -0.94 -4.51
N ALA A 513 29.10 -1.42 -3.25
CA ALA A 513 29.67 -2.73 -2.95
C ALA A 513 28.87 -3.87 -3.63
N ILE A 514 27.52 -3.88 -3.49
CA ILE A 514 26.65 -4.89 -4.11
C ILE A 514 26.76 -4.87 -5.64
N CYS A 515 26.72 -3.68 -6.25
CA CYS A 515 26.84 -3.57 -7.71
C CYS A 515 28.22 -3.99 -8.22
N SER A 516 29.27 -3.86 -7.40
CA SER A 516 30.60 -4.33 -7.80
C SER A 516 30.71 -5.87 -7.62
N ALA A 517 29.92 -6.46 -6.70
CA ALA A 517 29.94 -7.89 -6.44
C ALA A 517 29.06 -8.69 -7.41
N VAL A 518 28.10 -8.04 -8.07
CA VAL A 518 27.20 -8.72 -9.00
C VAL A 518 27.62 -8.41 -10.45
N PRO A 519 27.68 -9.40 -11.50
CA PRO A 519 28.04 -9.38 -13.14
C PRO A 519 27.23 -8.14 -13.54
N VAL A 520 27.84 -7.20 -14.25
CA VAL A 520 27.17 -5.93 -14.68
C VAL A 520 25.95 -6.22 -15.57
N HIS A 521 26.00 -7.28 -16.36
CA HIS A 521 24.88 -7.60 -17.29
C HIS A 521 23.77 -8.41 -16.60
N TRP A 522 23.91 -8.77 -15.33
CA TRP A 522 22.83 -9.50 -14.67
C TRP A 522 21.73 -8.51 -14.35
N VAL A 523 20.53 -8.82 -14.79
CA VAL A 523 19.36 -7.96 -14.66
C VAL A 523 18.75 -8.13 -13.27
N PRO A 524 18.43 -7.03 -12.56
CA PRO A 524 17.75 -7.17 -11.26
C PRO A 524 16.43 -7.96 -11.38
N THR A 525 16.15 -8.82 -10.40
CA THR A 525 14.94 -9.66 -10.46
C THR A 525 14.04 -9.39 -9.26
N SER A 526 12.84 -9.94 -9.33
CA SER A 526 11.79 -9.82 -8.28
C SER A 526 11.44 -8.35 -8.07
N ARG A 527 11.16 -7.95 -6.85
CA ARG A 527 10.71 -6.56 -6.64
C ARG A 527 11.20 -6.18 -5.25
N THR A 528 11.61 -4.92 -5.09
CA THR A 528 12.11 -4.42 -3.81
C THR A 528 10.97 -3.99 -2.88
N THR A 529 9.82 -3.64 -3.47
CA THR A 529 8.66 -3.17 -2.74
C THR A 529 7.39 -3.41 -3.55
N TRP A 530 6.26 -3.54 -2.85
CA TRP A 530 4.96 -3.66 -3.50
C TRP A 530 4.19 -2.32 -3.50
N SER A 531 4.80 -1.25 -2.95
CA SER A 531 4.23 0.08 -2.83
C SER A 531 3.77 0.64 -4.16
N ILE A 532 2.61 1.27 -4.15
CA ILE A 532 2.07 1.95 -5.33
C ILE A 532 2.96 3.16 -5.73
N HIS A 533 3.75 3.68 -4.78
CA HIS A 533 4.66 4.81 -5.05
C HIS A 533 5.96 4.41 -5.73
N ALA A 534 6.26 3.11 -5.81
CA ALA A 534 7.48 2.64 -6.43
C ALA A 534 7.31 2.53 -7.93
N HIS A 535 8.16 3.24 -8.69
CA HIS A 535 8.09 3.17 -10.14
C HIS A 535 9.17 2.25 -10.73
N HIS A 536 9.98 1.64 -9.87
CA HIS A 536 10.95 0.60 -10.27
C HIS A 536 11.89 1.03 -11.38
N GLN A 537 12.44 2.24 -11.29
CA GLN A 537 13.45 2.76 -12.26
C GLN A 537 14.79 1.99 -12.12
N TRP A 538 15.04 1.39 -10.95
CA TRP A 538 16.22 0.58 -10.61
C TRP A 538 16.17 -0.82 -11.24
N MET A 539 15.06 -1.20 -11.85
CA MET A 539 14.97 -2.53 -12.50
C MET A 539 15.49 -2.37 -13.92
N THR A 540 16.80 -2.16 -14.05
CA THR A 540 17.46 -1.92 -15.35
C THR A 540 18.94 -2.25 -15.24
N THR A 541 19.63 -2.34 -16.38
CA THR A 541 21.10 -2.55 -16.38
C THR A 541 21.73 -1.27 -16.92
N GLU A 542 20.91 -0.22 -17.10
CA GLU A 542 21.39 1.08 -17.52
C GLU A 542 22.23 1.68 -16.39
N ASP A 543 23.24 2.50 -16.72
CA ASP A 543 24.09 3.15 -15.73
C ASP A 543 23.23 3.95 -14.71
N MET A 544 23.43 3.71 -13.40
CA MET A 544 22.60 4.36 -12.39
C MET A 544 22.73 5.87 -12.37
N LEU A 545 23.91 6.43 -12.71
CA LEU A 545 24.04 7.89 -12.76
C LEU A 545 23.17 8.49 -13.88
N THR A 546 23.04 7.77 -15.00
CA THR A 546 22.21 8.18 -16.13
C THR A 546 20.75 8.15 -15.73
N VAL A 547 20.34 7.09 -15.03
CA VAL A 547 18.97 6.98 -14.53
C VAL A 547 18.70 8.07 -13.46
N TRP A 548 19.70 8.35 -12.58
CA TRP A 548 19.58 9.37 -11.53
C TRP A 548 19.30 10.72 -12.19
N ASN A 549 20.06 11.04 -13.26
CA ASN A 549 19.87 12.29 -14.00
C ASN A 549 18.48 12.40 -14.57
N ARG A 550 17.99 11.32 -15.16
CA ARG A 550 16.68 11.29 -15.76
C ARG A 550 15.60 11.53 -14.73
N VAL A 551 15.69 10.86 -13.57
CA VAL A 551 14.65 11.00 -12.51
C VAL A 551 14.74 12.36 -11.82
N TRP A 552 15.89 12.67 -11.24
CA TRP A 552 16.16 13.89 -10.44
C TRP A 552 16.30 15.19 -11.23
N ILE A 553 16.76 15.14 -12.48
CA ILE A 553 16.98 16.39 -13.26
C ILE A 553 16.02 16.49 -14.45
N GLU A 554 16.21 15.67 -15.47
CA GLU A 554 15.44 15.76 -16.73
C GLU A 554 13.92 15.74 -16.49
N GLU A 555 13.41 14.70 -15.88
CA GLU A 555 11.96 14.54 -15.71
C GLU A 555 11.39 15.12 -14.43
N ASN A 556 12.22 15.76 -13.59
CA ASN A 556 11.76 16.34 -12.32
C ASN A 556 11.15 17.70 -12.63
N PRO A 557 9.84 17.85 -12.42
CA PRO A 557 9.16 19.13 -12.73
C PRO A 557 9.57 20.26 -11.81
N TRP A 558 10.09 19.94 -10.62
CA TRP A 558 10.54 20.96 -9.69
C TRP A 558 12.04 21.31 -9.87
N MET A 559 12.69 20.80 -10.91
CA MET A 559 14.09 21.11 -11.22
C MET A 559 14.06 21.98 -12.47
N GLU A 560 14.15 23.31 -12.32
CA GLU A 560 14.08 24.23 -13.47
C GLU A 560 15.33 24.21 -14.35
N ASP A 561 16.50 24.04 -13.72
CA ASP A 561 17.76 24.02 -14.44
C ASP A 561 18.06 22.55 -14.75
N LYS A 562 18.05 22.20 -16.04
CA LYS A 562 18.26 20.82 -16.47
C LYS A 562 19.72 20.39 -16.66
N THR A 563 20.68 21.16 -16.12
CA THR A 563 22.09 20.77 -16.25
C THR A 563 22.36 19.39 -15.62
N PRO A 564 22.85 18.43 -16.41
CA PRO A 564 23.11 17.10 -15.85
C PRO A 564 24.26 17.10 -14.84
N VAL A 565 24.18 16.15 -13.91
CA VAL A 565 25.22 15.92 -12.92
C VAL A 565 26.12 14.88 -13.56
N THR A 566 27.41 15.18 -13.73
CA THR A 566 28.31 14.28 -14.44
C THR A 566 29.09 13.30 -13.59
N THR A 567 28.97 13.39 -12.26
CA THR A 567 29.69 12.48 -11.36
C THR A 567 28.91 12.32 -10.05
N TRP A 568 28.99 11.13 -9.42
CA TRP A 568 28.37 10.87 -8.11
C TRP A 568 28.92 11.81 -7.02
N GLU A 569 30.10 12.40 -7.23
CA GLU A 569 30.67 13.38 -6.32
C GLU A 569 29.80 14.64 -6.23
N ASN A 570 28.99 14.92 -7.25
CA ASN A 570 28.06 16.05 -7.25
C ASN A 570 26.61 15.66 -6.87
N VAL A 571 26.38 14.39 -6.47
CA VAL A 571 25.07 13.92 -5.99
C VAL A 571 25.17 14.05 -4.48
N PRO A 572 24.31 14.89 -3.87
CA PRO A 572 24.50 15.21 -2.46
C PRO A 572 24.12 14.14 -1.46
N TYR A 573 24.60 14.32 -0.25
CA TYR A 573 24.27 13.49 0.89
C TYR A 573 23.44 14.35 1.84
N LEU A 574 22.84 13.68 2.80
CA LEU A 574 22.21 14.40 3.92
C LEU A 574 23.33 15.00 4.77
N GLY A 575 22.97 15.93 5.63
CA GLY A 575 23.95 16.42 6.63
C GLY A 575 24.37 15.26 7.52
N LYS A 576 25.64 15.20 7.86
CA LYS A 576 26.19 14.11 8.70
C LYS A 576 25.34 13.94 9.97
N ARG A 577 24.98 15.03 10.63
CA ARG A 577 24.17 14.98 11.84
C ARG A 577 22.80 14.33 11.55
N GLU A 578 22.13 14.74 10.48
CA GLU A 578 20.82 14.19 10.11
C GLU A 578 20.93 12.71 9.68
N ASP A 579 22.01 12.35 8.97
CA ASP A 579 22.25 10.97 8.53
C ASP A 579 22.38 10.09 9.79
N GLN A 580 23.17 10.55 10.78
CA GLN A 580 23.34 9.86 12.05
C GLN A 580 22.03 9.78 12.83
N TRP A 581 21.28 10.89 12.95
CA TRP A 581 19.96 10.87 13.62
C TRP A 581 19.01 9.86 12.95
N CYS A 582 19.14 9.69 11.62
CA CYS A 582 18.26 8.80 10.88
C CYS A 582 18.84 7.37 10.71
N GLY A 583 19.77 6.97 11.57
CA GLY A 583 20.26 5.61 11.63
C GLY A 583 21.63 5.27 11.08
N SER A 584 22.35 6.25 10.56
CA SER A 584 23.69 6.01 9.96
C SER A 584 24.69 5.53 11.01
N LEU A 585 25.59 4.64 10.62
CA LEU A 585 26.66 4.16 11.51
C LEU A 585 27.93 4.98 11.25
N ILE A 586 27.84 6.01 10.42
CA ILE A 586 29.04 6.86 10.12
C ILE A 586 29.57 7.39 11.44
N GLY A 587 30.89 7.29 11.63
CA GLY A 587 31.55 7.76 12.85
C GLY A 587 31.80 6.64 13.83
N LEU A 588 31.23 5.47 13.58
CA LEU A 588 31.50 4.32 14.47
C LEU A 588 32.72 3.59 13.92
N THR A 589 33.49 2.96 14.79
CA THR A 589 34.69 2.22 14.41
C THR A 589 34.36 1.00 13.57
N SER A 590 33.29 0.28 13.92
CA SER A 590 32.85 -0.90 13.16
C SER A 590 32.48 -0.53 11.72
N ARG A 591 31.88 0.66 11.53
CA ARG A 591 31.51 1.15 10.21
C ARG A 591 32.77 1.50 9.41
N ALA A 592 33.75 2.16 10.06
CA ALA A 592 35.02 2.52 9.44
C ALA A 592 35.80 1.26 9.00
N THR A 593 35.75 0.21 9.82
CA THR A 593 36.41 -1.07 9.53
C THR A 593 35.77 -1.75 8.32
N TRP A 594 34.45 -1.69 8.23
CA TRP A 594 33.66 -2.25 7.13
C TRP A 594 33.99 -1.53 5.85
N ALA A 595 34.01 -0.19 5.88
CA ALA A 595 34.29 0.60 4.67
C ALA A 595 35.68 0.29 4.12
N GLN A 596 36.67 0.17 5.01
CA GLN A 596 38.06 -0.10 4.68
C GLN A 596 38.24 -1.51 4.11
N ASN A 597 37.52 -2.49 4.65
CA ASN A 597 37.65 -3.88 4.23
C ASN A 597 36.61 -4.34 3.18
N ILE A 598 35.74 -3.44 2.70
CA ILE A 598 34.71 -3.82 1.72
C ILE A 598 35.28 -4.44 0.41
N PRO A 599 36.45 -4.06 -0.16
CA PRO A 599 36.94 -4.77 -1.36
C PRO A 599 37.14 -6.27 -1.13
N THR A 600 37.48 -6.66 0.11
CA THR A 600 37.67 -8.04 0.50
C THR A 600 36.34 -8.80 0.44
N ALA A 601 35.26 -8.22 1.01
CA ALA A 601 33.96 -8.87 0.98
C ALA A 601 33.40 -8.97 -0.43
N ILE A 602 33.60 -7.92 -1.25
CA ILE A 602 33.16 -7.88 -2.66
C ILE A 602 33.82 -9.03 -3.43
N GLN A 603 35.12 -9.23 -3.20
CA GLN A 603 35.89 -10.27 -3.86
C GLN A 603 35.44 -11.67 -3.44
N GLN A 604 35.03 -11.84 -2.19
CA GLN A 604 34.49 -13.10 -1.72
C GLN A 604 33.20 -13.44 -2.45
N VAL A 605 32.32 -12.46 -2.62
CA VAL A 605 31.06 -12.69 -3.34
C VAL A 605 31.36 -13.01 -4.82
N ARG A 606 32.30 -12.29 -5.43
CA ARG A 606 32.70 -12.53 -6.82
C ARG A 606 33.25 -13.93 -7.02
N SER A 607 34.07 -14.40 -6.07
CA SER A 607 34.68 -15.73 -6.10
C SER A 607 33.62 -16.83 -6.13
N LEU A 608 32.51 -16.64 -5.40
CA LEU A 608 31.46 -17.64 -5.35
C LEU A 608 30.53 -17.58 -6.55
N ILE A 609 30.36 -16.39 -7.14
CA ILE A 609 29.58 -16.23 -8.36
C ILE A 609 30.34 -16.84 -9.56
N GLY A 610 31.64 -16.61 -9.63
CA GLY A 610 32.42 -17.20 -10.73
C GLY A 610 33.10 -16.20 -11.62
N ASN A 611 33.57 -16.68 -12.77
CA ASN A 611 34.32 -15.86 -13.75
C ASN A 611 33.35 -15.10 -14.65
N GLU A 612 32.75 -14.04 -14.10
CA GLU A 612 31.81 -13.20 -14.88
C GLU A 612 32.42 -11.81 -15.04
N GLU A 613 31.74 -10.95 -15.78
CA GLU A 613 32.25 -9.57 -15.99
C GLU A 613 31.75 -8.69 -14.85
N PHE A 614 32.67 -8.20 -14.03
CA PHE A 614 32.29 -7.29 -12.93
C PHE A 614 32.93 -5.93 -13.21
N LEU A 615 32.48 -4.92 -12.50
CA LEU A 615 32.97 -3.56 -12.61
C LEU A 615 33.22 -3.00 -11.21
N ASP A 616 34.34 -2.29 -11.00
CA ASP A 616 34.65 -1.72 -9.70
C ASP A 616 34.04 -0.33 -9.51
N TYR A 617 33.01 -0.23 -8.66
CA TYR A 617 32.34 1.04 -8.35
C TYR A 617 32.92 1.73 -7.10
N MET A 618 33.79 1.05 -6.34
CA MET A 618 34.39 1.64 -5.15
C MET A 618 35.50 2.59 -5.53
#